data_4LJ0
#
_entry.id   4LJ0
#
_cell.length_a   90.929
_cell.length_b   90.929
_cell.length_c   54.081
_cell.angle_alpha   90.00
_cell.angle_beta   90.00
_cell.angle_gamma   120.00
#
_symmetry.space_group_name_H-M   'P 31 2 1'
#
loop_
_entity.id
_entity.type
_entity.pdbx_description
1 polymer Nab2
2 polymer 'polyadenosine RNA'
3 non-polymer 'ZINC ION'
4 non-polymer 'ACETATE ION'
5 non-polymer 'MAGNESIUM ION'
6 water water
#
loop_
_entity_poly.entity_id
_entity_poly.type
_entity_poly.pdbx_seq_one_letter_code
_entity_poly.pdbx_strand_id
1 'polypeptide(L)' SEQDCKYWPNCANPLCAFRHPTMPPCRNGGECKVPGCKFTHLKTPCKFRPCTNRSCPFLHEEGQRG A,B
2 'polyribonucleotide' AAAAAAAA C,D,E
#
loop_
_chem_comp.id
_chem_comp.type
_chem_comp.name
_chem_comp.formula
A RNA linking ADENOSINE-5'-MONOPHOSPHATE 'C10 H14 N5 O7 P'
ACT non-polymer 'ACETATE ION' 'C2 H3 O2 -1'
MG non-polymer 'MAGNESIUM ION' 'Mg 2'
ZN non-polymer 'ZINC ION' 'Zn 2'
#
# COMPACT_ATOMS: atom_id res chain seq x y z
N GLU A 2 6.67 -0.36 -13.89
CA GLU A 2 6.01 -1.49 -13.26
C GLU A 2 5.40 -1.12 -11.92
N GLN A 3 4.14 -1.49 -11.73
CA GLN A 3 3.46 -1.29 -10.45
C GLN A 3 3.35 -2.61 -9.72
N ASP A 4 3.48 -2.57 -8.40
CA ASP A 4 3.36 -3.77 -7.58
C ASP A 4 1.92 -4.24 -7.52
N CYS A 5 1.72 -5.55 -7.68
CA CYS A 5 0.41 -6.14 -7.45
C CYS A 5 0.04 -5.90 -5.98
N LYS A 6 -1.14 -5.33 -5.75
CA LYS A 6 -1.57 -5.01 -4.39
C LYS A 6 -2.22 -6.22 -3.72
N TYR A 7 -2.35 -7.31 -4.46
CA TYR A 7 -3.03 -8.51 -3.95
C TYR A 7 -2.03 -9.57 -3.51
N TRP A 8 -0.85 -9.55 -4.12
CA TRP A 8 0.22 -10.45 -3.73
C TRP A 8 0.47 -10.29 -2.23
N PRO A 9 0.70 -11.39 -1.51
CA PRO A 9 0.86 -12.79 -1.93
C PRO A 9 -0.45 -13.55 -2.07
N ASN A 10 -1.56 -12.82 -2.26
CA ASN A 10 -2.87 -13.44 -2.43
C ASN A 10 -3.52 -13.02 -3.74
N CYS A 11 -2.73 -13.03 -4.81
CA CYS A 11 -3.21 -12.69 -6.13
C CYS A 11 -3.90 -13.89 -6.78
N ALA A 12 -5.13 -13.70 -7.24
CA ALA A 12 -5.94 -14.78 -7.78
C ALA A 12 -5.97 -14.79 -9.30
N ASN A 13 -5.28 -13.84 -9.92
CA ASN A 13 -5.25 -13.75 -11.37
C ASN A 13 -3.95 -14.36 -11.91
N PRO A 14 -4.04 -15.57 -12.49
CA PRO A 14 -2.81 -16.22 -12.97
C PRO A 14 -2.11 -15.45 -14.10
N LEU A 15 -2.83 -14.54 -14.75
CA LEU A 15 -2.26 -13.74 -15.84
C LEU A 15 -2.05 -12.31 -15.41
N CYS A 16 -1.96 -12.08 -14.10
CA CYS A 16 -1.75 -10.73 -13.57
C CYS A 16 -0.50 -10.13 -14.18
N ALA A 17 -0.61 -8.89 -14.64
CA ALA A 17 0.48 -8.21 -15.32
C ALA A 17 1.24 -7.27 -14.37
N PHE A 18 0.73 -7.11 -13.16
CA PHE A 18 1.39 -6.28 -12.18
C PHE A 18 2.57 -7.05 -11.58
N ARG A 19 3.50 -6.33 -10.97
CA ARG A 19 4.75 -6.93 -10.49
C ARG A 19 4.52 -7.83 -9.28
N HIS A 20 4.95 -9.09 -9.41
CA HIS A 20 5.00 -10.00 -8.28
C HIS A 20 6.46 -10.29 -7.94
N PRO A 21 6.83 -10.27 -6.65
CA PRO A 21 8.18 -10.69 -6.27
C PRO A 21 8.51 -12.07 -6.80
N THR A 22 9.77 -12.31 -7.14
CA THR A 22 10.18 -13.59 -7.68
C THR A 22 10.04 -14.69 -6.64
N MET A 23 10.56 -14.44 -5.43
CA MET A 23 10.59 -15.45 -4.38
C MET A 23 9.26 -15.53 -3.65
N PRO A 24 8.80 -16.76 -3.35
CA PRO A 24 7.54 -16.89 -2.61
C PRO A 24 7.64 -16.22 -1.25
N PRO A 25 6.51 -15.88 -0.63
CA PRO A 25 6.54 -15.24 0.69
C PRO A 25 7.05 -16.20 1.74
N CYS A 26 7.78 -15.71 2.73
CA CYS A 26 8.28 -16.57 3.80
C CYS A 26 7.16 -16.95 4.75
N ARG A 27 6.96 -18.25 4.97
CA ARG A 27 5.91 -18.74 5.83
C ARG A 27 6.29 -18.68 7.31
N ASN A 28 7.48 -18.15 7.63
CA ASN A 28 7.84 -17.84 9.01
C ASN A 28 7.32 -16.47 9.42
N GLY A 29 6.76 -15.75 8.46
CA GLY A 29 6.30 -14.38 8.70
C GLY A 29 7.35 -13.36 8.29
N GLY A 30 6.94 -12.09 8.24
CA GLY A 30 7.85 -11.00 7.91
C GLY A 30 8.95 -10.86 8.94
N GLU A 31 8.67 -11.32 10.17
CA GLU A 31 9.62 -11.17 11.28
C GLU A 31 10.64 -12.32 11.34
N CYS A 32 10.64 -13.18 10.32
CA CYS A 32 11.57 -14.32 10.24
C CYS A 32 13.00 -13.88 10.52
N LYS A 33 13.65 -14.53 11.48
CA LYS A 33 15.04 -14.23 11.83
C LYS A 33 16.00 -15.35 11.43
N VAL A 34 15.54 -16.28 10.61
CA VAL A 34 16.38 -17.39 10.18
C VAL A 34 17.51 -16.87 9.29
N PRO A 35 18.78 -17.13 9.67
CA PRO A 35 19.89 -16.68 8.83
C PRO A 35 19.89 -17.33 7.45
N GLY A 36 20.15 -16.54 6.41
CA GLY A 36 20.22 -17.07 5.06
C GLY A 36 18.88 -17.23 4.37
N CYS A 37 17.78 -16.99 5.08
CA CYS A 37 16.46 -17.12 4.47
C CYS A 37 16.26 -16.02 3.44
N LYS A 38 16.02 -16.41 2.19
CA LYS A 38 15.88 -15.46 1.09
C LYS A 38 14.48 -15.50 0.49
N PHE A 39 13.53 -16.08 1.20
CA PHE A 39 12.15 -15.98 0.78
C PHE A 39 11.74 -14.53 0.95
N THR A 40 10.66 -14.10 0.31
CA THR A 40 10.23 -12.72 0.42
C THR A 40 9.62 -12.48 1.79
N HIS A 41 10.19 -11.54 2.53
CA HIS A 41 9.67 -11.19 3.84
C HIS A 41 8.81 -9.93 3.75
N LEU A 42 7.52 -10.08 4.03
CA LEU A 42 6.61 -8.94 3.91
C LEU A 42 6.92 -7.87 4.95
N LYS A 43 6.59 -6.63 4.59
CA LYS A 43 6.72 -5.50 5.49
C LYS A 43 5.34 -5.02 5.95
N THR A 44 4.31 -5.57 5.31
CA THR A 44 2.93 -5.26 5.68
C THR A 44 2.56 -5.95 6.98
N PRO A 45 2.17 -5.17 8.02
CA PRO A 45 1.78 -5.81 9.28
C PRO A 45 0.55 -6.71 9.18
N CYS A 46 0.58 -7.82 9.92
CA CYS A 46 -0.57 -8.70 10.02
C CYS A 46 -1.68 -7.99 10.78
N LYS A 47 -2.91 -8.14 10.31
CA LYS A 47 -4.05 -7.40 10.85
C LYS A 47 -4.75 -8.14 11.98
N PHE A 48 -4.40 -9.41 12.18
CA PHE A 48 -5.08 -10.24 13.17
C PHE A 48 -4.43 -10.15 14.55
N ARG A 49 -5.26 -9.98 15.57
CA ARG A 49 -4.79 -9.90 16.95
C ARG A 49 -5.67 -10.71 17.88
N PRO A 50 -5.22 -11.91 18.26
CA PRO A 50 -3.96 -12.57 17.86
C PRO A 50 -4.05 -13.19 16.48
N CYS A 51 -2.90 -13.38 15.83
CA CYS A 51 -2.84 -14.14 14.58
C CYS A 51 -2.58 -15.60 14.90
N THR A 52 -3.42 -16.48 14.37
CA THR A 52 -3.31 -17.91 14.65
C THR A 52 -3.04 -18.72 13.36
N ASN A 53 -2.67 -18.02 12.30
CA ASN A 53 -2.23 -18.68 11.08
C ASN A 53 -0.72 -18.90 11.19
N ARG A 54 -0.30 -20.15 11.39
CA ARG A 54 1.12 -20.41 11.65
C ARG A 54 1.98 -20.40 10.38
N SER A 55 1.36 -20.19 9.22
CA SER A 55 2.09 -19.94 7.98
C SER A 55 1.81 -18.53 7.46
N CYS A 56 1.38 -17.64 8.35
CA CYS A 56 1.08 -16.26 7.97
C CYS A 56 2.35 -15.56 7.48
N PRO A 57 2.32 -15.01 6.24
CA PRO A 57 3.52 -14.37 5.69
C PRO A 57 3.66 -12.91 6.10
N PHE A 58 2.63 -12.35 6.72
CA PHE A 58 2.67 -10.94 7.07
C PHE A 58 3.59 -10.68 8.27
N LEU A 59 3.77 -9.41 8.59
CA LEU A 59 4.73 -9.00 9.61
C LEU A 59 4.06 -8.92 10.97
N HIS A 60 4.60 -9.63 11.94
CA HIS A 60 4.03 -9.68 13.29
C HIS A 60 4.92 -8.99 14.31
N GLU A 61 4.30 -8.41 15.34
CA GLU A 61 5.01 -7.83 16.47
C GLU A 61 5.16 -8.88 17.57
N GLU A 62 6.03 -8.60 18.54
CA GLU A 62 6.21 -9.52 19.65
C GLU A 62 4.91 -9.64 20.45
N GLY A 63 4.41 -10.87 20.58
CA GLY A 63 3.19 -11.12 21.32
C GLY A 63 1.94 -11.17 20.46
N GLN A 64 2.07 -10.82 19.19
CA GLN A 64 0.92 -10.81 18.28
C GLN A 64 0.49 -12.22 17.88
N ARG A 65 1.44 -13.15 17.90
CA ARG A 65 1.15 -14.54 17.56
C ARG A 65 0.35 -15.18 18.68
N GLY A 66 -0.62 -16.01 18.29
CA GLY A 66 -1.48 -16.69 19.25
C GLY A 66 -1.70 -18.15 18.90
N GLU B 2 10.76 11.80 -17.63
CA GLU B 2 9.42 11.24 -17.59
C GLU B 2 8.46 12.12 -16.81
N GLN B 3 7.30 12.38 -17.40
CA GLN B 3 6.26 13.18 -16.76
C GLN B 3 5.49 12.36 -15.73
N ASP B 4 4.75 13.04 -14.86
CA ASP B 4 3.96 12.39 -13.82
C ASP B 4 2.73 11.70 -14.39
N CYS B 5 2.28 10.65 -13.71
CA CYS B 5 1.06 9.95 -14.11
C CYS B 5 -0.17 10.75 -13.71
N LYS B 6 -1.01 11.03 -14.69
CA LYS B 6 -2.26 11.77 -14.47
C LYS B 6 -3.24 10.96 -13.63
N TYR B 7 -3.11 9.63 -13.69
CA TYR B 7 -4.14 8.73 -13.15
C TYR B 7 -3.83 8.23 -11.74
N TRP B 8 -2.56 8.20 -11.39
CA TRP B 8 -2.13 7.79 -10.05
C TRP B 8 -2.84 8.66 -9.00
N PRO B 9 -3.24 8.06 -7.86
CA PRO B 9 -3.01 6.70 -7.35
C PRO B 9 -4.06 5.70 -7.85
N ASN B 10 -4.75 6.07 -8.91
CA ASN B 10 -5.79 5.22 -9.49
C ASN B 10 -5.43 4.85 -10.93
N CYS B 11 -4.18 4.41 -11.11
CA CYS B 11 -3.68 4.03 -12.42
C CYS B 11 -3.78 2.52 -12.59
N ALA B 12 -4.60 2.09 -13.54
CA ALA B 12 -4.87 0.66 -13.73
C ALA B 12 -4.03 0.06 -14.86
N ASN B 13 -3.11 0.86 -15.41
CA ASN B 13 -2.20 0.37 -16.44
C ASN B 13 -0.92 -0.14 -15.79
N PRO B 14 -0.72 -1.48 -15.79
CA PRO B 14 0.49 -2.00 -15.16
C PRO B 14 1.76 -1.60 -15.92
N LEU B 15 1.61 -1.25 -17.20
CA LEU B 15 2.74 -0.86 -18.02
C LEU B 15 2.87 0.66 -18.11
N CYS B 16 2.19 1.37 -17.22
CA CYS B 16 2.19 2.83 -17.25
C CYS B 16 3.61 3.39 -17.23
N ALA B 17 3.89 4.25 -18.20
CA ALA B 17 5.24 4.80 -18.37
C ALA B 17 5.42 6.09 -17.56
N PHE B 18 4.33 6.80 -17.30
CA PHE B 18 4.39 8.03 -16.52
C PHE B 18 4.91 7.69 -15.13
N ARG B 19 5.54 8.63 -14.45
CA ARG B 19 6.11 8.35 -13.14
C ARG B 19 5.03 8.32 -12.06
N HIS B 20 5.15 7.34 -11.16
CA HIS B 20 4.28 7.23 -10.00
C HIS B 20 5.10 7.57 -8.75
N PRO B 21 4.61 8.49 -7.90
CA PRO B 21 5.34 8.81 -6.67
C PRO B 21 5.65 7.58 -5.83
N THR B 22 6.77 7.61 -5.12
CA THR B 22 7.17 6.50 -4.27
C THR B 22 6.32 6.45 -3.01
N MET B 23 6.03 7.62 -2.43
CA MET B 23 5.26 7.67 -1.20
C MET B 23 3.76 7.52 -1.47
N PRO B 24 3.06 6.72 -0.64
CA PRO B 24 1.62 6.59 -0.83
C PRO B 24 0.90 7.92 -0.61
N PRO B 25 -0.36 8.02 -1.05
CA PRO B 25 -1.13 9.25 -0.81
C PRO B 25 -1.35 9.46 0.68
N CYS B 26 -1.42 10.71 1.12
CA CYS B 26 -1.64 11.00 2.52
C CYS B 26 -3.11 10.81 2.89
N ARG B 27 -3.36 10.05 3.95
CA ARG B 27 -4.72 9.74 4.38
C ARG B 27 -5.46 11.00 4.88
N ASN B 28 -4.71 12.06 5.15
CA ASN B 28 -5.30 13.31 5.62
C ASN B 28 -5.81 14.19 4.48
N GLY B 29 -5.63 13.72 3.25
CA GLY B 29 -6.05 14.49 2.08
C GLY B 29 -4.98 15.46 1.64
N GLY B 30 -5.18 16.06 0.47
CA GLY B 30 -4.22 16.98 -0.10
C GLY B 30 -4.07 18.25 0.73
N GLU B 31 -5.01 18.48 1.63
CA GLU B 31 -5.01 19.69 2.46
C GLU B 31 -4.27 19.49 3.77
N CYS B 32 -3.50 18.40 3.88
CA CYS B 32 -2.79 18.07 5.10
C CYS B 32 -1.87 19.20 5.56
N LYS B 33 -1.91 19.48 6.87
CA LYS B 33 -1.11 20.56 7.45
C LYS B 33 -0.16 20.01 8.52
N VAL B 34 -0.09 18.69 8.63
CA VAL B 34 0.76 18.06 9.63
C VAL B 34 2.23 18.33 9.33
N PRO B 35 2.94 18.99 10.27
CA PRO B 35 4.36 19.31 9.99
C PRO B 35 5.22 18.05 9.88
N GLY B 36 6.04 18.00 8.83
CA GLY B 36 6.94 16.90 8.62
C GLY B 36 6.32 15.75 7.84
N CYS B 37 5.04 15.88 7.50
CA CYS B 37 4.37 14.83 6.74
C CYS B 37 4.89 14.83 5.31
N LYS B 38 5.44 13.70 4.88
CA LYS B 38 6.06 13.59 3.58
C LYS B 38 5.40 12.51 2.73
N PHE B 39 4.19 12.12 3.11
CA PHE B 39 3.36 11.31 2.24
C PHE B 39 2.90 12.20 1.10
N THR B 40 2.49 11.59 -0.02
CA THR B 40 2.12 12.37 -1.19
C THR B 40 0.78 13.06 -0.99
N HIS B 41 0.78 14.38 -1.15
CA HIS B 41 -0.43 15.18 -0.99
C HIS B 41 -0.98 15.58 -2.36
N LEU B 42 -2.06 14.92 -2.77
CA LEU B 42 -2.66 15.15 -4.07
C LEU B 42 -3.07 16.61 -4.24
N LYS B 43 -3.04 17.08 -5.48
CA LYS B 43 -3.37 18.47 -5.80
C LYS B 43 -4.74 18.54 -6.46
N THR B 44 -5.07 17.51 -7.24
CA THR B 44 -6.35 17.45 -7.93
C THR B 44 -7.50 17.45 -6.92
N PRO B 45 -8.50 18.34 -7.12
CA PRO B 45 -9.57 18.48 -6.13
C PRO B 45 -10.51 17.28 -6.06
N CYS B 46 -11.18 17.13 -4.93
CA CYS B 46 -12.09 16.01 -4.70
C CYS B 46 -13.47 16.31 -5.26
N LYS B 47 -14.02 15.36 -6.01
CA LYS B 47 -15.32 15.55 -6.66
C LYS B 47 -16.48 15.42 -5.68
N PHE B 48 -16.34 14.55 -4.69
CA PHE B 48 -17.42 14.27 -3.75
C PHE B 48 -17.79 15.50 -2.91
N ARG B 49 -19.07 15.86 -2.95
CA ARG B 49 -19.59 17.02 -2.23
C ARG B 49 -20.79 16.60 -1.37
N PRO B 50 -20.56 16.24 -0.10
CA PRO B 50 -19.28 16.18 0.62
C PRO B 50 -18.60 14.81 0.48
N CYS B 51 -17.30 14.76 0.76
CA CYS B 51 -16.60 13.49 0.82
C CYS B 51 -17.00 12.76 2.10
N THR B 52 -17.14 11.44 2.00
CA THR B 52 -17.52 10.62 3.15
C THR B 52 -16.33 9.75 3.57
N ASN B 53 -15.35 9.64 2.68
CA ASN B 53 -14.16 8.85 2.95
C ASN B 53 -13.19 9.61 3.86
N ARG B 54 -13.00 9.10 5.08
CA ARG B 54 -12.12 9.74 6.04
C ARG B 54 -10.65 9.57 5.68
N SER B 55 -10.39 8.83 4.60
CA SER B 55 -9.03 8.60 4.11
C SER B 55 -8.89 9.05 2.66
N CYS B 56 -9.73 9.97 2.22
CA CYS B 56 -9.67 10.48 0.86
C CYS B 56 -8.40 11.31 0.68
N PRO B 57 -7.54 10.93 -0.27
CA PRO B 57 -6.26 11.62 -0.43
C PRO B 57 -6.37 12.90 -1.26
N PHE B 58 -7.55 13.19 -1.78
CA PHE B 58 -7.75 14.33 -2.66
C PHE B 58 -7.92 15.63 -1.86
N LEU B 59 -7.69 16.75 -2.54
CA LEU B 59 -7.71 18.06 -1.90
C LEU B 59 -9.14 18.51 -1.59
N HIS B 60 -9.35 18.95 -0.35
CA HIS B 60 -10.67 19.38 0.11
C HIS B 60 -10.67 20.87 0.46
N GLU B 61 -11.80 21.34 0.99
CA GLU B 61 -11.92 22.71 1.48
C GLU B 61 -12.67 22.72 2.81
N GLU B 62 -12.74 23.88 3.45
CA GLU B 62 -13.28 23.98 4.80
C GLU B 62 -14.73 23.51 4.90
N GLY B 63 -15.48 23.63 3.81
CA GLY B 63 -16.89 23.28 3.80
C GLY B 63 -17.18 22.03 3.00
N GLN B 64 -16.23 21.09 2.99
CA GLN B 64 -16.37 19.84 2.24
C GLN B 64 -16.37 18.64 3.17
N ARG B 65 -16.44 18.91 4.49
CA ARG B 65 -16.47 17.86 5.50
C ARG B 65 -17.60 16.86 5.23
ZN ZN F . -1.06 -10.03 -9.15
ZN ZN G . 12.26 -16.18 6.19
ZN ZN H . -0.45 -13.13 10.91
C ACT I . 1.05 -5.33 -1.17
O ACT I . 0.99 -6.32 -1.94
OXT ACT I . -0.04 -4.85 -0.79
CH3 ACT I . 2.37 -4.75 -0.72
H1 ACT I . 2.17 -3.91 -0.04
H2 ACT I . 2.94 -5.51 -0.18
H3 ACT I . 2.92 -4.41 -1.59
C ACT J . 5.26 -6.41 1.52
O ACT J . 4.34 -7.11 1.04
OXT ACT J . 4.98 -5.77 2.54
CH3 ACT J . 6.63 -6.37 0.89
H1 ACT J . 7.27 -5.71 1.47
H2 ACT J . 6.54 -5.98 -0.13
H3 ACT J . 7.05 -7.36 0.88
ZN ZN K . 0.21 5.60 -14.21
ZN ZN L . 0.11 14.54 4.94
ZN ZN M . -12.68 13.58 -0.78
MG MG N . -12.14 -6.36 -0.01
MG MG O . -11.46 -11.02 2.25
MG MG P . -17.42 -7.26 -6.23
MG MG Q . -11.74 -16.23 2.00
#